data_3NZE
#
_entry.id   3NZE
#
_cell.length_a   41.337
_cell.length_b   86.286
_cell.length_c   64.641
_cell.angle_alpha   90.00
_cell.angle_beta   94.75
_cell.angle_gamma   90.00
#
_symmetry.space_group_name_H-M   'P 1 21 1'
#
loop_
_entity.id
_entity.type
_entity.pdbx_description
1 polymer 'Putative transcriptional regulator, sugar-binding family'
2 non-polymer 'CALCIUM ION'
3 water water
#
_entity_poly.entity_id   1
_entity_poly.type   'polypeptide(L)'
_entity_poly.pdbx_seq_one_letter_code
;SNASPFDTGPELESQIRNQYGVDVHVVPVLDTLNEAETLDRVA(MSE)QAARTIGPLVDSNAIIGVAWGATLSAVSRHLT
RK(MSE)THDSIVVQLNGAGN(MSE)QTTGITYASDI(MSE)RRFGSAYGARVEQFPVPAFFDHASTKTA(MSE)WNERS
VQRILDLQAR(MSE)SIAIFGVGSVDSDYPSHVYAGGYLDEHDLT(MSE)LAADDVVGDVATVFFRSDGSSDGITLNERS
TGPSHEQLRQVRRRICVVSGASKINGLQGALAAGLATDLILDEASARRLVSFNGH
;
_entity_poly.pdbx_strand_id   A,B
#
loop_
_chem_comp.id
_chem_comp.type
_chem_comp.name
_chem_comp.formula
CA non-polymer 'CALCIUM ION' 'Ca 2'
#
# COMPACT_ATOMS: atom_id res chain seq x y z
N ALA A 3 3.09 27.15 -3.28
CA ALA A 3 4.37 26.49 -3.06
C ALA A 3 5.54 27.48 -3.10
N SER A 4 6.39 27.44 -2.08
CA SER A 4 7.51 28.37 -1.95
C SER A 4 8.60 27.78 -1.06
N PRO A 5 9.74 28.46 -0.94
CA PRO A 5 10.81 28.00 -0.05
C PRO A 5 10.46 28.19 1.42
N PHE A 6 9.27 28.74 1.66
CA PHE A 6 8.80 28.94 3.02
C PHE A 6 7.74 27.91 3.39
N ASP A 7 7.51 26.95 2.51
CA ASP A 7 6.47 25.96 2.73
C ASP A 7 6.73 25.15 3.99
N THR A 8 5.67 24.86 4.73
CA THR A 8 5.74 24.14 5.99
C THR A 8 5.94 22.66 5.72
N GLY A 9 6.30 21.92 6.76
CA GLY A 9 6.42 20.47 6.67
C GLY A 9 5.18 19.83 6.04
N PRO A 10 3.99 20.15 6.59
CA PRO A 10 2.73 19.60 6.07
C PRO A 10 2.49 19.94 4.60
N GLU A 11 2.92 21.12 4.16
CA GLU A 11 2.72 21.48 2.76
C GLU A 11 3.66 20.66 1.87
N LEU A 12 4.88 20.45 2.36
CA LEU A 12 5.83 19.59 1.65
C LEU A 12 5.32 18.15 1.60
N GLU A 13 4.68 17.69 2.68
CA GLU A 13 4.14 16.34 2.71
C GLU A 13 3.09 16.21 1.61
N SER A 14 2.22 17.21 1.51
CA SER A 14 1.18 17.19 0.51
C SER A 14 1.77 17.11 -0.89
N GLN A 15 2.78 17.94 -1.15
CA GLN A 15 3.39 17.96 -2.46
C GLN A 15 4.03 16.61 -2.82
N ILE A 16 4.76 16.03 -1.88
CA ILE A 16 5.39 14.73 -2.11
C ILE A 16 4.35 13.63 -2.28
N ARG A 17 3.32 13.63 -1.44
CA ARG A 17 2.23 12.65 -1.56
C ARG A 17 1.66 12.67 -2.97
N ASN A 18 1.35 13.88 -3.45
CA ASN A 18 0.70 14.02 -4.74
C ASN A 18 1.61 13.71 -5.91
N GLN A 19 2.87 14.07 -5.78
CA GLN A 19 3.82 13.91 -6.88
C GLN A 19 4.40 12.51 -6.94
N TYR A 20 4.58 11.86 -5.78
CA TYR A 20 5.26 10.56 -5.74
C TYR A 20 4.38 9.40 -5.30
N GLY A 21 3.16 9.69 -4.85
CA GLY A 21 2.23 8.64 -4.50
C GLY A 21 2.68 7.73 -3.37
N VAL A 22 3.32 8.33 -2.37
CA VAL A 22 3.68 7.63 -1.14
C VAL A 22 3.14 8.43 0.04
N ASP A 23 2.89 7.76 1.16
CA ASP A 23 2.60 8.48 2.38
C ASP A 23 3.93 9.02 2.90
N VAL A 24 3.90 10.18 3.52
CA VAL A 24 5.16 10.85 3.87
C VAL A 24 5.10 11.65 5.16
N HIS A 25 6.21 11.62 5.90
CA HIS A 25 6.42 12.45 7.07
C HIS A 25 7.68 13.28 6.85
N VAL A 26 7.52 14.60 6.83
CA VAL A 26 8.65 15.49 6.67
C VAL A 26 9.04 15.98 8.05
N VAL A 27 10.30 15.79 8.41
CA VAL A 27 10.79 16.17 9.73
C VAL A 27 11.44 17.52 9.68
N PRO A 28 10.86 18.51 10.37
CA PRO A 28 11.48 19.83 10.43
C PRO A 28 12.83 19.75 11.16
N VAL A 29 13.88 20.25 10.52
CA VAL A 29 15.20 20.22 11.13
C VAL A 29 15.88 21.56 10.88
N LEU A 30 16.63 22.02 11.87
CA LEU A 30 17.39 23.26 11.72
C LEU A 30 18.36 23.15 10.53
N ASP A 31 18.20 24.09 9.59
CA ASP A 31 18.97 24.11 8.34
C ASP A 31 20.48 23.94 8.56
N THR A 32 20.91 24.14 9.80
CA THR A 32 22.32 24.25 10.11
C THR A 32 22.87 23.08 10.92
N LEU A 33 22.02 22.13 11.26
CA LEU A 33 22.44 20.95 12.01
C LEU A 33 23.35 20.09 11.12
N ASN A 34 24.15 19.22 11.74
CA ASN A 34 25.06 18.37 10.99
C ASN A 34 24.39 17.07 10.56
N GLU A 35 25.10 16.27 9.75
CA GLU A 35 24.53 15.03 9.21
C GLU A 35 24.02 14.07 10.27
N ALA A 36 24.87 13.79 11.25
CA ALA A 36 24.54 12.82 12.29
C ALA A 36 23.34 13.29 13.10
N GLU A 37 23.32 14.57 13.45
CA GLU A 37 22.26 15.12 14.29
C GLU A 37 20.95 15.20 13.52
N THR A 38 21.04 15.49 12.22
CA THR A 38 19.88 15.52 11.35
C THR A 38 19.28 14.13 11.23
N LEU A 39 20.14 13.14 11.01
CA LEU A 39 19.71 11.76 10.91
C LEU A 39 19.06 11.31 12.20
N ASP A 40 19.62 11.73 13.33
CA ASP A 40 19.09 11.31 14.62
C ASP A 40 17.63 11.73 14.73
N ARG A 41 17.33 12.92 14.22
CA ARG A 41 15.98 13.46 14.29
C ARG A 41 15.05 12.81 13.27
N VAL A 42 15.57 12.51 12.09
CA VAL A 42 14.77 11.78 11.11
C VAL A 42 14.48 10.41 11.67
N ALA A 43 15.49 9.78 12.28
CA ALA A 43 15.35 8.44 12.80
C ALA A 43 14.31 8.36 13.91
N MSE A 44 14.24 9.39 14.75
CA MSE A 44 13.21 9.45 15.78
C MSE A 44 11.81 9.45 15.20
O MSE A 44 10.93 8.74 15.67
CB MSE A 44 13.36 10.70 16.64
CG MSE A 44 14.42 10.61 17.70
SE MSE A 44 14.18 12.06 18.97
CE MSE A 44 12.58 11.46 19.90
N GLN A 45 11.58 10.26 14.16
CA GLN A 45 10.27 10.28 13.54
C GLN A 45 9.98 8.94 12.88
N ALA A 46 10.99 8.36 12.23
CA ALA A 46 10.78 7.07 11.58
C ALA A 46 10.34 6.02 12.60
N ALA A 47 11.01 6.00 13.75
CA ALA A 47 10.66 5.03 14.79
C ALA A 47 9.21 5.18 15.21
N ARG A 48 8.78 6.44 15.34
CA ARG A 48 7.41 6.73 15.74
C ARG A 48 6.44 6.21 14.68
N THR A 49 6.83 6.33 13.41
CA THR A 49 5.99 5.87 12.32
C THR A 49 5.96 4.35 12.17
N ILE A 50 7.09 3.71 12.43
CA ILE A 50 7.22 2.26 12.33
C ILE A 50 6.41 1.50 13.38
N GLY A 51 6.38 2.02 14.60
CA GLY A 51 5.75 1.34 15.72
C GLY A 51 4.36 0.73 15.46
N PRO A 52 3.42 1.58 15.05
CA PRO A 52 2.03 1.14 14.76
C PRO A 52 1.97 0.07 13.66
N LEU A 53 3.01 -0.05 12.85
CA LEU A 53 3.00 -0.98 11.72
C LEU A 53 3.59 -2.33 12.10
N VAL A 54 4.14 -2.43 13.31
CA VAL A 54 4.69 -3.69 13.79
C VAL A 54 3.63 -4.44 14.59
N ASP A 55 3.25 -5.62 14.13
CA ASP A 55 2.17 -6.37 14.78
C ASP A 55 2.66 -7.73 15.24
N SER A 56 1.78 -8.48 15.91
CA SER A 56 2.09 -9.86 16.25
C SER A 56 1.89 -10.75 15.03
N ASN A 57 2.48 -11.93 15.07
CA ASN A 57 2.37 -12.89 13.98
C ASN A 57 2.84 -12.29 12.66
N ALA A 58 3.90 -11.50 12.72
CA ALA A 58 4.38 -10.80 11.53
C ALA A 58 5.84 -11.08 11.28
N ILE A 59 6.27 -10.91 10.04
CA ILE A 59 7.67 -11.01 9.68
C ILE A 59 8.14 -9.64 9.22
N ILE A 60 9.08 -9.07 9.99
CA ILE A 60 9.56 -7.72 9.72
C ILE A 60 10.96 -7.78 9.10
N GLY A 61 11.05 -7.35 7.83
CA GLY A 61 12.33 -7.31 7.13
C GLY A 61 13.06 -5.99 7.38
N VAL A 62 14.33 -6.10 7.79
CA VAL A 62 15.16 -4.91 8.03
C VAL A 62 16.40 -4.96 7.17
N ALA A 63 16.60 -3.95 6.34
CA ALA A 63 17.85 -3.83 5.61
C ALA A 63 18.74 -2.93 6.46
N TRP A 64 19.79 -3.49 7.03
CA TRP A 64 20.59 -2.74 7.98
C TRP A 64 21.57 -1.81 7.27
N GLY A 65 21.91 -0.71 7.95
CA GLY A 65 22.83 0.29 7.44
C GLY A 65 22.93 1.39 8.47
N ALA A 66 23.64 2.47 8.13
CA ALA A 66 23.81 3.59 9.06
C ALA A 66 22.46 4.22 9.42
N THR A 67 21.58 4.36 8.44
CA THR A 67 20.27 4.93 8.71
C THR A 67 19.48 4.03 9.65
N LEU A 68 19.42 2.75 9.32
CA LEU A 68 18.65 1.83 10.15
C LEU A 68 19.23 1.68 11.56
N SER A 69 20.53 1.87 11.69
CA SER A 69 21.13 1.84 13.02
C SER A 69 20.53 2.95 13.87
N ALA A 70 20.50 4.15 13.32
CA ALA A 70 19.92 5.30 14.02
C ALA A 70 18.45 5.02 14.36
N VAL A 71 17.69 4.52 13.39
CA VAL A 71 16.31 4.15 13.64
C VAL A 71 16.19 3.16 14.81
N SER A 72 17.04 2.14 14.82
CA SER A 72 16.94 1.10 15.83
C SER A 72 17.16 1.65 17.23
N ARG A 73 17.92 2.73 17.35
CA ARG A 73 18.17 3.33 18.65
CA ARG A 73 18.18 3.35 18.64
C ARG A 73 16.97 4.09 19.20
N HIS A 74 15.99 4.39 18.34
CA HIS A 74 14.85 5.20 18.78
C HIS A 74 13.52 4.45 18.89
N LEU A 75 13.56 3.14 18.69
CA LEU A 75 12.36 2.32 18.79
C LEU A 75 11.71 2.41 20.17
N THR A 76 10.38 2.47 20.19
CA THR A 76 9.65 2.46 21.43
CA THR A 76 9.63 2.46 21.43
C THR A 76 9.22 1.03 21.74
N ARG A 77 9.46 0.58 22.96
CA ARG A 77 9.10 -0.78 23.34
CA ARG A 77 9.10 -0.78 23.34
C ARG A 77 7.61 -1.02 23.10
N LYS A 78 7.31 -2.13 22.45
CA LYS A 78 5.94 -2.49 22.14
C LYS A 78 5.91 -4.00 21.94
N MSE A 79 5.51 -4.72 22.98
CA MSE A 79 5.55 -6.17 22.92
C MSE A 79 4.55 -6.75 21.92
O MSE A 79 3.41 -6.31 21.82
CB MSE A 79 5.35 -6.78 24.31
CG MSE A 79 6.50 -6.49 25.27
SE MSE A 79 8.22 -7.19 24.64
CE MSE A 79 7.75 -9.08 24.58
N THR A 80 5.02 -7.72 21.16
CA THR A 80 4.20 -8.49 20.25
C THR A 80 4.46 -9.93 20.58
N HIS A 81 3.73 -10.84 19.95
CA HIS A 81 4.06 -12.26 20.07
C HIS A 81 4.12 -12.90 18.70
N ASP A 82 4.93 -13.95 18.57
CA ASP A 82 4.99 -14.76 17.36
C ASP A 82 5.43 -13.99 16.13
N SER A 83 6.19 -12.93 16.34
CA SER A 83 6.75 -12.19 15.23
C SER A 83 8.24 -12.41 15.10
N ILE A 84 8.76 -12.12 13.91
CA ILE A 84 10.15 -12.36 13.60
C ILE A 84 10.71 -11.14 12.92
N VAL A 85 11.93 -10.75 13.27
CA VAL A 85 12.65 -9.73 12.53
CA VAL A 85 12.64 -9.73 12.49
C VAL A 85 13.74 -10.42 11.71
N VAL A 86 13.71 -10.24 10.40
CA VAL A 86 14.66 -10.91 9.51
CA VAL A 86 14.66 -10.90 9.51
C VAL A 86 15.59 -9.91 8.82
N GLN A 87 16.87 -10.22 8.83
CA GLN A 87 17.90 -9.40 8.20
C GLN A 87 17.83 -9.56 6.68
N LEU A 88 17.77 -8.45 5.93
CA LEU A 88 17.57 -8.53 4.48
C LEU A 88 18.85 -8.54 3.65
N ASN A 89 19.95 -8.10 4.26
CA ASN A 89 21.24 -8.03 3.58
C ASN A 89 22.35 -8.52 4.49
N GLY A 90 23.41 -9.08 3.90
CA GLY A 90 24.49 -9.69 4.66
C GLY A 90 25.37 -8.67 5.36
N ALA A 91 26.35 -9.15 6.11
CA ALA A 91 27.22 -8.25 6.87
C ALA A 91 28.63 -8.79 6.96
N GLY A 92 29.61 -7.89 6.99
CA GLY A 92 31.00 -8.29 7.04
C GLY A 92 31.65 -7.97 5.70
N ASN A 93 32.46 -6.92 5.66
CA ASN A 93 33.05 -6.50 4.40
C ASN A 93 34.56 -6.66 4.35
N MSE A 94 35.18 -6.14 3.29
CA MSE A 94 36.60 -6.36 3.07
C MSE A 94 37.48 -5.62 4.06
O MSE A 94 38.68 -5.80 4.09
CB MSE A 94 36.98 -5.95 1.63
CG MSE A 94 36.77 -4.49 1.33
SE MSE A 94 37.21 -4.12 -0.53
CE MSE A 94 35.63 -4.93 -1.34
N GLN A 95 36.85 -4.76 4.88
CA GLN A 95 37.55 -4.06 5.96
C GLN A 95 37.38 -4.79 7.30
N THR A 96 36.62 -5.88 7.30
CA THR A 96 36.26 -6.61 8.52
C THR A 96 35.31 -5.82 9.41
N THR A 97 34.45 -5.04 8.76
CA THR A 97 33.48 -4.20 9.44
C THR A 97 32.06 -4.65 9.12
N GLY A 98 31.20 -4.62 10.13
CA GLY A 98 29.79 -4.78 9.87
C GLY A 98 29.06 -5.80 10.71
N ILE A 99 29.73 -6.89 11.09
CA ILE A 99 28.99 -7.97 11.71
C ILE A 99 28.40 -7.57 13.07
N THR A 100 29.22 -6.99 13.93
CA THR A 100 28.75 -6.54 15.23
C THR A 100 27.68 -5.47 15.08
N TYR A 101 27.94 -4.52 14.18
CA TYR A 101 27.06 -3.38 13.97
C TYR A 101 25.69 -3.84 13.48
N ALA A 102 25.67 -4.71 12.47
CA ALA A 102 24.42 -5.28 11.96
C ALA A 102 23.71 -6.08 13.05
N SER A 103 24.45 -6.90 13.79
CA SER A 103 23.85 -7.66 14.86
C SER A 103 23.17 -6.78 15.92
N ASP A 104 23.81 -5.67 16.26
CA ASP A 104 23.27 -4.76 17.26
C ASP A 104 21.94 -4.17 16.79
N ILE A 105 21.86 -3.85 15.51
CA ILE A 105 20.63 -3.33 14.92
C ILE A 105 19.52 -4.37 15.06
N MSE A 106 19.81 -5.60 14.63
CA MSE A 106 18.80 -6.65 14.73
C MSE A 106 18.35 -6.88 16.18
O MSE A 106 17.15 -7.03 16.46
CB MSE A 106 19.25 -7.94 14.03
CG MSE A 106 19.73 -7.74 12.60
SE MSE A 106 18.28 -7.13 11.43
CE MSE A 106 16.97 -8.51 11.79
N ARG A 107 19.30 -6.92 17.11
CA ARG A 107 18.99 -7.08 18.53
C ARG A 107 18.07 -5.98 19.09
N ARG A 108 18.33 -4.73 18.73
CA ARG A 108 17.47 -3.62 19.13
C ARG A 108 16.03 -3.80 18.63
N PHE A 109 15.89 -4.28 17.40
CA PHE A 109 14.55 -4.51 16.85
C PHE A 109 13.89 -5.66 17.59
N GLY A 110 14.62 -6.75 17.78
CA GLY A 110 14.10 -7.89 18.50
C GLY A 110 13.66 -7.54 19.91
N SER A 111 14.48 -6.73 20.60
CA SER A 111 14.20 -6.37 21.99
CA SER A 111 14.21 -6.36 21.98
C SER A 111 13.01 -5.42 22.09
N ALA A 112 12.89 -4.49 21.15
CA ALA A 112 11.80 -3.52 21.20
C ALA A 112 10.44 -4.20 21.06
N TYR A 113 10.38 -5.28 20.28
CA TYR A 113 9.11 -5.90 19.94
C TYR A 113 8.89 -7.31 20.49
N GLY A 114 9.85 -7.82 21.25
CA GLY A 114 9.78 -9.17 21.74
C GLY A 114 9.74 -10.18 20.60
N ALA A 115 10.39 -9.82 19.50
CA ALA A 115 10.38 -10.62 18.29
C ALA A 115 11.63 -11.47 18.20
N ARG A 116 11.50 -12.66 17.62
CA ARG A 116 12.67 -13.50 17.40
C ARG A 116 13.51 -12.92 16.28
N VAL A 117 14.82 -12.96 16.45
CA VAL A 117 15.74 -12.43 15.45
C VAL A 117 16.26 -13.53 14.52
N GLU A 118 16.17 -13.31 13.22
CA GLU A 118 16.73 -14.23 12.24
C GLU A 118 17.77 -13.53 11.37
N GLN A 119 19.03 -13.93 11.55
CA GLN A 119 20.10 -13.32 10.79
C GLN A 119 20.51 -14.11 9.55
N PHE A 120 21.34 -13.46 8.74
CA PHE A 120 21.60 -13.88 7.37
C PHE A 120 23.11 -14.19 7.31
N PRO A 121 23.47 -15.49 7.25
CA PRO A 121 24.89 -15.85 7.42
C PRO A 121 25.69 -15.69 6.13
N VAL A 122 25.71 -14.47 5.59
CA VAL A 122 26.39 -14.17 4.34
C VAL A 122 27.11 -12.82 4.48
N PRO A 123 28.19 -12.61 3.72
CA PRO A 123 28.94 -11.35 3.86
C PRO A 123 28.13 -10.15 3.35
N ALA A 124 28.70 -8.95 3.47
CA ALA A 124 27.97 -7.73 3.09
C ALA A 124 27.64 -7.67 1.61
N PHE A 125 28.48 -8.28 0.80
CA PHE A 125 28.37 -8.21 -0.66
C PHE A 125 29.39 -9.21 -1.17
N PHE A 126 29.22 -9.71 -2.39
CA PHE A 126 30.17 -10.67 -2.95
C PHE A 126 31.15 -10.04 -3.92
N ASP A 127 32.40 -10.48 -3.87
CA ASP A 127 33.43 -10.06 -4.83
C ASP A 127 33.15 -10.62 -6.22
N HIS A 128 32.58 -11.82 -6.25
CA HIS A 128 32.37 -12.55 -7.49
C HIS A 128 30.95 -13.08 -7.56
N ALA A 129 30.30 -12.90 -8.72
CA ALA A 129 28.96 -13.41 -8.91
C ALA A 129 28.89 -14.91 -8.70
N SER A 130 29.95 -15.63 -9.06
CA SER A 130 29.97 -17.08 -8.89
C SER A 130 29.88 -17.47 -7.40
N THR A 131 30.35 -16.61 -6.51
CA THR A 131 30.21 -16.89 -5.09
C THR A 131 28.75 -16.77 -4.67
N LYS A 132 28.05 -15.75 -5.17
CA LYS A 132 26.64 -15.62 -4.85
C LYS A 132 25.86 -16.84 -5.31
N THR A 133 26.09 -17.24 -6.56
CA THR A 133 25.45 -18.43 -7.11
C THR A 133 25.64 -19.64 -6.19
N ALA A 134 26.88 -19.87 -5.78
CA ALA A 134 27.18 -20.98 -4.87
C ALA A 134 26.42 -20.86 -3.55
N MSE A 135 26.53 -19.69 -2.90
CA MSE A 135 25.87 -19.49 -1.61
C MSE A 135 24.35 -19.60 -1.66
O MSE A 135 23.73 -20.01 -0.67
CB MSE A 135 26.28 -18.14 -1.02
CG MSE A 135 27.66 -18.17 -0.40
SE MSE A 135 27.72 -19.12 1.31
CE MSE A 135 27.03 -17.66 2.40
N TRP A 136 23.74 -19.24 -2.78
CA TRP A 136 22.30 -19.32 -2.90
C TRP A 136 21.80 -20.76 -3.07
N ASN A 137 22.75 -21.69 -3.13
CA ASN A 137 22.44 -23.12 -3.16
C ASN A 137 22.66 -23.79 -1.81
N GLU A 138 22.96 -22.98 -0.80
CA GLU A 138 23.15 -23.50 0.54
C GLU A 138 21.83 -23.47 1.30
N ARG A 139 21.50 -24.55 2.00
CA ARG A 139 20.26 -24.58 2.77
C ARG A 139 20.20 -23.50 3.85
N SER A 140 21.35 -23.22 4.47
CA SER A 140 21.40 -22.23 5.52
C SER A 140 20.95 -20.88 4.97
N VAL A 141 21.34 -20.59 3.73
CA VAL A 141 20.99 -19.32 3.11
C VAL A 141 19.54 -19.35 2.65
N GLN A 142 19.16 -20.44 1.99
CA GLN A 142 17.83 -20.58 1.41
C GLN A 142 16.71 -20.46 2.45
N ARG A 143 16.95 -20.96 3.66
CA ARG A 143 15.94 -20.87 4.71
CA ARG A 143 15.95 -20.88 4.71
C ARG A 143 15.69 -19.42 5.09
N ILE A 144 16.73 -18.59 5.03
CA ILE A 144 16.55 -17.17 5.27
C ILE A 144 15.88 -16.47 4.08
N LEU A 145 16.28 -16.83 2.86
CA LEU A 145 15.63 -16.29 1.67
C LEU A 145 14.14 -16.55 1.74
N ASP A 146 13.75 -17.71 2.26
CA ASP A 146 12.34 -18.10 2.35
C ASP A 146 11.59 -17.20 3.33
N LEU A 147 12.24 -16.87 4.45
CA LEU A 147 11.65 -15.97 5.44
C LEU A 147 11.49 -14.58 4.86
N GLN A 148 12.51 -14.12 4.16
CA GLN A 148 12.46 -12.80 3.53
C GLN A 148 11.27 -12.72 2.59
N ALA A 149 11.00 -13.81 1.87
CA ALA A 149 9.95 -13.83 0.86
C ALA A 149 8.57 -13.65 1.49
N ARG A 150 8.46 -14.00 2.77
CA ARG A 150 7.20 -13.91 3.49
C ARG A 150 7.05 -12.62 4.29
N MSE A 151 7.96 -11.66 4.15
CA MSE A 151 7.89 -10.49 5.02
C MSE A 151 6.59 -9.67 4.86
O MSE A 151 6.06 -9.52 3.74
CB MSE A 151 9.11 -9.58 4.86
CG MSE A 151 9.19 -8.88 3.55
SE MSE A 151 10.83 -7.80 3.50
CE MSE A 151 11.59 -8.57 1.88
N SER A 152 6.11 -9.15 5.97
CA SER A 152 4.89 -8.34 6.01
C SER A 152 5.23 -6.88 5.77
N ILE A 153 6.34 -6.44 6.35
CA ILE A 153 6.83 -5.07 6.16
CA ILE A 153 6.83 -5.07 6.23
C ILE A 153 8.33 -5.06 5.92
N ALA A 154 8.82 -4.04 5.22
CA ALA A 154 10.25 -3.89 4.94
C ALA A 154 10.64 -2.50 5.41
N ILE A 155 11.81 -2.39 6.05
CA ILE A 155 12.27 -1.08 6.51
C ILE A 155 13.67 -0.87 6.02
N PHE A 156 13.92 0.27 5.39
CA PHE A 156 15.21 0.49 4.74
C PHE A 156 15.55 1.95 4.52
N GLY A 157 16.85 2.22 4.44
CA GLY A 157 17.34 3.49 3.96
C GLY A 157 17.68 3.40 2.49
N VAL A 158 18.34 4.42 1.96
CA VAL A 158 18.68 4.47 0.54
C VAL A 158 20.13 4.90 0.37
N GLY A 159 20.88 4.11 -0.40
CA GLY A 159 22.22 4.51 -0.79
C GLY A 159 22.13 5.44 -1.98
N SER A 160 23.13 6.30 -2.15
CA SER A 160 23.10 7.29 -3.22
C SER A 160 24.47 7.43 -3.85
N VAL A 161 24.51 7.44 -5.18
CA VAL A 161 25.72 7.70 -5.93
C VAL A 161 25.68 9.15 -6.36
N ASP A 162 26.69 9.93 -5.99
CA ASP A 162 26.69 11.34 -6.31
C ASP A 162 27.42 11.60 -7.63
N HIS A 168 35.38 9.04 -5.52
CA HIS A 168 34.51 7.87 -5.49
C HIS A 168 34.75 6.99 -4.26
N VAL A 169 33.67 6.75 -3.52
CA VAL A 169 33.59 5.69 -2.52
C VAL A 169 32.09 5.44 -2.36
N TYR A 170 31.69 4.29 -1.85
CA TYR A 170 30.26 4.02 -1.69
C TYR A 170 29.91 3.47 -0.31
N ALA A 171 28.73 3.85 0.17
CA ALA A 171 28.25 3.45 1.50
C ALA A 171 28.32 1.95 1.71
N GLY A 172 28.91 1.55 2.85
CA GLY A 172 28.96 0.16 3.22
C GLY A 172 30.36 -0.41 3.04
N GLY A 173 31.18 0.29 2.27
CA GLY A 173 32.57 -0.08 2.09
C GLY A 173 32.76 -1.48 1.53
N TYR A 174 31.84 -1.92 0.69
CA TYR A 174 31.94 -3.26 0.10
C TYR A 174 32.31 -3.26 -1.39
N LEU A 175 32.41 -2.06 -1.99
CA LEU A 175 32.85 -1.94 -3.38
C LEU A 175 34.26 -1.40 -3.48
N ASP A 176 35.04 -1.91 -4.43
CA ASP A 176 36.35 -1.33 -4.71
C ASP A 176 36.23 -0.29 -5.83
N GLU A 177 37.35 0.32 -6.22
CA GLU A 177 37.30 1.44 -7.15
C GLU A 177 36.76 1.06 -8.53
N HIS A 178 37.14 -0.11 -9.03
CA HIS A 178 36.66 -0.55 -10.33
C HIS A 178 35.14 -0.72 -10.33
N ASP A 179 34.61 -1.36 -9.28
CA ASP A 179 33.17 -1.50 -9.13
C ASP A 179 32.48 -0.13 -9.26
N LEU A 180 33.13 0.90 -8.73
CA LEU A 180 32.58 2.23 -8.77
C LEU A 180 32.42 2.74 -10.20
N THR A 181 33.36 2.36 -11.07
CA THR A 181 33.30 2.79 -12.45
C THR A 181 32.16 2.08 -13.20
N MSE A 182 31.77 0.90 -12.71
CA MSE A 182 30.67 0.14 -13.29
C MSE A 182 29.33 0.84 -13.07
O MSE A 182 28.50 0.91 -13.98
CB MSE A 182 30.62 -1.27 -12.72
CG MSE A 182 31.81 -2.15 -13.12
SE MSE A 182 31.99 -2.35 -15.05
CE MSE A 182 33.17 -0.85 -15.41
N LEU A 183 29.10 1.28 -11.85
CA LEU A 183 27.92 2.00 -11.50
C LEU A 183 27.64 3.15 -12.48
N ALA A 184 28.59 4.03 -12.69
CA ALA A 184 28.43 5.11 -13.66
C ALA A 184 28.11 4.55 -15.05
N ALA A 185 28.77 3.46 -15.41
CA ALA A 185 28.58 2.82 -16.71
C ALA A 185 27.13 2.46 -16.96
N ASP A 186 26.40 2.14 -15.90
CA ASP A 186 25.01 1.69 -16.02
C ASP A 186 24.00 2.73 -15.54
N ASP A 187 24.42 3.99 -15.43
CA ASP A 187 23.58 5.08 -14.90
C ASP A 187 22.95 4.73 -13.54
N VAL A 188 23.71 4.05 -12.70
CA VAL A 188 23.20 3.70 -11.36
C VAL A 188 23.20 4.95 -10.47
N VAL A 189 22.12 5.15 -9.72
CA VAL A 189 22.02 6.34 -8.86
C VAL A 189 21.97 6.01 -7.37
N GLY A 190 21.76 4.74 -7.04
CA GLY A 190 21.58 4.38 -5.65
C GLY A 190 21.20 2.93 -5.43
N ASP A 191 20.86 2.59 -4.20
CA ASP A 191 20.52 1.22 -3.86
C ASP A 191 19.55 1.15 -2.70
N VAL A 192 18.82 0.06 -2.65
CA VAL A 192 18.13 -0.33 -1.43
C VAL A 192 18.59 -1.73 -1.10
N ALA A 193 19.05 -1.93 0.13
CA ALA A 193 19.51 -3.25 0.58
C ALA A 193 20.64 -3.84 -0.27
N THR A 194 21.44 -2.94 -0.84
CA THR A 194 22.56 -3.27 -1.72
C THR A 194 22.14 -3.75 -3.12
N VAL A 195 20.86 -3.57 -3.46
CA VAL A 195 20.40 -3.82 -4.82
C VAL A 195 20.22 -2.48 -5.54
N PHE A 196 20.98 -2.29 -6.61
CA PHE A 196 21.10 -0.98 -7.25
C PHE A 196 20.02 -0.72 -8.30
N PHE A 197 19.77 0.57 -8.55
CA PHE A 197 18.80 0.98 -9.58
C PHE A 197 19.26 2.24 -10.30
N ARG A 198 18.65 2.51 -11.45
CA ARG A 198 18.94 3.69 -12.26
C ARG A 198 17.99 4.82 -11.92
N SER A 199 18.16 5.98 -12.55
CA SER A 199 17.31 7.13 -12.25
C SER A 199 15.83 6.85 -12.53
N ASP A 200 15.57 6.00 -13.52
CA ASP A 200 14.20 5.66 -13.88
C ASP A 200 13.66 4.50 -13.05
N GLY A 201 14.45 4.07 -12.06
CA GLY A 201 14.05 3.01 -11.15
C GLY A 201 14.36 1.59 -11.62
N SER A 202 14.85 1.45 -12.84
CA SER A 202 15.11 0.11 -13.39
C SER A 202 16.32 -0.54 -12.73
N SER A 203 16.29 -1.87 -12.64
CA SER A 203 17.38 -2.60 -11.98
C SER A 203 17.83 -3.84 -12.75
N ASP A 204 17.26 -4.03 -13.94
CA ASP A 204 17.63 -5.15 -14.80
C ASP A 204 18.94 -4.80 -15.51
N GLY A 205 19.75 -5.81 -15.76
CA GLY A 205 20.96 -5.61 -16.54
C GLY A 205 22.02 -4.77 -15.83
N ILE A 206 22.01 -4.80 -14.50
CA ILE A 206 23.05 -4.14 -13.74
C ILE A 206 24.01 -5.20 -13.20
N THR A 207 25.22 -5.19 -13.74
CA THR A 207 26.22 -6.18 -13.42
C THR A 207 26.42 -6.37 -11.90
N LEU A 208 26.51 -5.28 -11.17
CA LEU A 208 26.75 -5.36 -9.72
C LEU A 208 25.66 -6.12 -8.97
N ASN A 209 24.43 -6.10 -9.49
CA ASN A 209 23.34 -6.78 -8.81
C ASN A 209 23.48 -8.29 -8.72
N GLU A 210 24.32 -8.88 -9.58
CA GLU A 210 24.56 -10.32 -9.47
CA GLU A 210 24.62 -10.32 -9.52
C GLU A 210 25.44 -10.68 -8.28
N ARG A 211 25.97 -9.65 -7.63
CA ARG A 211 26.82 -9.83 -6.45
C ARG A 211 26.13 -9.38 -5.15
N SER A 212 24.90 -8.92 -5.28
CA SER A 212 24.17 -8.41 -4.12
C SER A 212 23.56 -9.52 -3.26
N THR A 213 23.45 -9.28 -1.96
CA THR A 213 22.77 -10.20 -1.05
C THR A 213 21.32 -9.84 -0.76
N GLY A 214 20.85 -8.71 -1.26
CA GLY A 214 19.52 -8.22 -0.90
C GLY A 214 18.39 -8.72 -1.79
N PRO A 215 17.14 -8.52 -1.35
CA PRO A 215 15.94 -8.94 -2.08
C PRO A 215 15.78 -8.17 -3.38
N SER A 216 15.17 -8.77 -4.39
CA SER A 216 14.95 -8.07 -5.65
C SER A 216 13.94 -6.97 -5.41
N HIS A 217 13.98 -5.97 -6.29
CA HIS A 217 13.00 -4.90 -6.23
C HIS A 217 11.59 -5.44 -6.48
N GLU A 218 11.48 -6.43 -7.38
CA GLU A 218 10.19 -7.08 -7.60
C GLU A 218 9.61 -7.67 -6.32
N GLN A 219 10.45 -8.35 -5.54
CA GLN A 219 10.00 -8.87 -4.26
C GLN A 219 9.57 -7.77 -3.29
N LEU A 220 10.38 -6.70 -3.19
CA LEU A 220 10.01 -5.58 -2.34
C LEU A 220 8.66 -5.01 -2.72
N ARG A 221 8.40 -4.86 -4.01
CA ARG A 221 7.16 -4.23 -4.43
C ARG A 221 5.92 -5.04 -4.05
N GLN A 222 6.11 -6.30 -3.66
CA GLN A 222 4.97 -7.13 -3.25
C GLN A 222 4.76 -7.11 -1.75
N VAL A 223 5.69 -6.50 -1.02
CA VAL A 223 5.57 -6.43 0.42
C VAL A 223 4.52 -5.37 0.76
N ARG A 224 3.72 -5.63 1.79
CA ARG A 224 2.58 -4.76 2.07
C ARG A 224 2.92 -3.31 2.41
N ARG A 225 3.80 -3.11 3.39
CA ARG A 225 4.28 -1.79 3.73
C ARG A 225 5.79 -1.75 3.60
N ARG A 226 6.30 -0.71 2.94
CA ARG A 226 7.73 -0.52 2.77
C ARG A 226 8.10 0.86 3.29
N ILE A 227 8.84 0.88 4.40
CA ILE A 227 9.12 2.13 5.09
C ILE A 227 10.53 2.55 4.73
N CYS A 228 10.62 3.69 4.05
CA CYS A 228 11.86 4.20 3.51
C CYS A 228 12.29 5.42 4.31
N VAL A 229 13.52 5.40 4.81
CA VAL A 229 13.98 6.47 5.70
C VAL A 229 15.20 7.12 5.10
N VAL A 230 15.14 8.42 4.88
CA VAL A 230 16.22 9.15 4.23
C VAL A 230 16.62 10.41 4.97
N SER A 231 17.93 10.65 5.10
CA SER A 231 18.41 11.91 5.66
C SER A 231 19.64 12.43 4.91
N GLY A 232 19.64 13.72 4.59
CA GLY A 232 20.74 14.30 3.85
C GLY A 232 20.32 14.65 2.44
N ALA A 233 20.10 15.94 2.19
CA ALA A 233 19.63 16.41 0.88
C ALA A 233 20.58 16.10 -0.27
N SER A 234 21.87 15.97 0.03
CA SER A 234 22.85 15.71 -1.02
C SER A 234 22.77 14.28 -1.54
N LYS A 235 21.84 13.50 -0.99
CA LYS A 235 21.63 12.11 -1.42
C LYS A 235 20.30 11.93 -2.16
N ILE A 236 19.77 13.02 -2.69
CA ILE A 236 18.44 12.98 -3.29
C ILE A 236 18.37 12.15 -4.57
N ASN A 237 19.49 11.99 -5.26
CA ASN A 237 19.51 11.18 -6.48
C ASN A 237 19.07 9.75 -6.24
N GLY A 238 19.54 9.18 -5.12
CA GLY A 238 19.20 7.83 -4.75
C GLY A 238 17.71 7.72 -4.43
N LEU A 239 17.20 8.68 -3.67
CA LEU A 239 15.79 8.65 -3.31
C LEU A 239 14.92 8.75 -4.54
N GLN A 240 15.28 9.64 -5.47
CA GLN A 240 14.49 9.80 -6.68
C GLN A 240 14.35 8.48 -7.43
N GLY A 241 15.45 7.76 -7.55
CA GLY A 241 15.47 6.47 -8.20
C GLY A 241 14.63 5.44 -7.46
N ALA A 242 14.71 5.44 -6.13
CA ALA A 242 13.94 4.46 -5.36
C ALA A 242 12.45 4.70 -5.52
N LEU A 243 12.08 5.98 -5.56
CA LEU A 243 10.68 6.33 -5.73
C LEU A 243 10.23 5.99 -7.14
N ALA A 244 11.11 6.24 -8.12
CA ALA A 244 10.80 5.87 -9.50
C ALA A 244 10.56 4.36 -9.60
N ALA A 245 11.30 3.61 -8.80
CA ALA A 245 11.17 2.15 -8.79
C ALA A 245 9.95 1.68 -7.98
N GLY A 246 9.29 2.62 -7.31
CA GLY A 246 8.09 2.32 -6.54
C GLY A 246 8.38 1.48 -5.32
N LEU A 247 9.58 1.65 -4.76
CA LEU A 247 10.00 0.78 -3.68
C LEU A 247 9.30 1.06 -2.35
N ALA A 248 8.92 2.32 -2.11
CA ALA A 248 8.39 2.72 -0.80
C ALA A 248 6.87 2.85 -0.81
N THR A 249 6.24 2.60 0.34
CA THR A 249 4.85 3.00 0.55
C THR A 249 4.78 4.17 1.55
N ASP A 250 5.76 4.23 2.45
CA ASP A 250 5.82 5.25 3.49
C ASP A 250 7.23 5.82 3.52
N LEU A 251 7.33 7.14 3.52
CA LEU A 251 8.63 7.79 3.44
C LEU A 251 8.81 8.76 4.61
N ILE A 252 9.96 8.69 5.27
CA ILE A 252 10.32 9.67 6.29
C ILE A 252 11.62 10.33 5.89
N LEU A 253 11.64 11.66 5.83
CA LEU A 253 12.84 12.36 5.39
C LEU A 253 12.91 13.76 5.98
N ASP A 254 14.11 14.35 5.99
CA ASP A 254 14.29 15.65 6.60
C ASP A 254 13.80 16.76 5.66
N GLU A 255 13.49 17.90 6.26
CA GLU A 255 12.96 19.07 5.56
C GLU A 255 13.80 19.46 4.35
N ALA A 256 15.12 19.52 4.50
CA ALA A 256 15.96 19.93 3.37
C ALA A 256 15.86 18.96 2.20
N SER A 257 15.90 17.66 2.49
CA SER A 257 15.74 16.65 1.45
C SER A 257 14.37 16.77 0.79
N ALA A 258 13.33 17.08 1.56
CA ALA A 258 11.99 17.17 0.99
C ALA A 258 11.90 18.36 0.03
N ARG A 259 12.55 19.46 0.40
CA ARG A 259 12.56 20.63 -0.46
C ARG A 259 13.27 20.36 -1.77
N ARG A 260 14.34 19.56 -1.71
CA ARG A 260 15.07 19.17 -2.91
C ARG A 260 14.17 18.28 -3.74
N LEU A 261 13.42 17.41 -3.07
CA LEU A 261 12.61 16.42 -3.75
C LEU A 261 11.49 17.05 -4.56
N VAL A 262 10.97 18.19 -4.09
CA VAL A 262 9.91 18.87 -4.82
C VAL A 262 10.51 19.86 -5.81
N SER A 263 11.80 19.71 -6.07
CA SER A 263 12.50 20.56 -7.04
C SER A 263 12.93 19.76 -8.26
N ALA B 3 -9.72 -22.84 12.51
CA ALA B 3 -11.08 -22.32 12.52
C ALA B 3 -11.67 -22.23 13.93
N SER B 4 -11.28 -21.20 14.68
CA SER B 4 -11.77 -21.02 16.05
C SER B 4 -12.70 -19.82 16.16
N PRO B 5 -13.92 -20.05 16.68
CA PRO B 5 -14.87 -18.96 16.94
C PRO B 5 -14.37 -18.01 18.03
N PHE B 6 -13.30 -18.40 18.72
CA PHE B 6 -12.74 -17.56 19.78
C PHE B 6 -11.65 -16.61 19.28
N ASP B 7 -11.27 -16.73 18.02
CA ASP B 7 -10.31 -15.79 17.46
C ASP B 7 -10.90 -14.39 17.54
N THR B 8 -10.12 -13.47 18.09
CA THR B 8 -10.56 -12.10 18.32
C THR B 8 -10.38 -11.27 17.05
N GLY B 9 -10.96 -10.07 17.04
CA GLY B 9 -10.73 -9.13 15.96
C GLY B 9 -9.25 -9.02 15.61
N PRO B 10 -8.41 -8.76 16.62
CA PRO B 10 -6.97 -8.62 16.35
C PRO B 10 -6.34 -9.87 15.74
N GLU B 11 -6.77 -11.04 16.17
CA GLU B 11 -6.26 -12.28 15.61
C GLU B 11 -6.70 -12.46 14.16
N LEU B 12 -7.94 -12.06 13.87
CA LEU B 12 -8.45 -12.18 12.51
C LEU B 12 -7.73 -11.18 11.62
N GLU B 13 -7.40 -10.03 12.18
CA GLU B 13 -6.66 -9.03 11.42
C GLU B 13 -5.32 -9.60 10.99
N SER B 14 -4.62 -10.27 11.91
CA SER B 14 -3.33 -10.84 11.58
C SER B 14 -3.45 -11.86 10.48
N GLN B 15 -4.47 -12.71 10.58
CA GLN B 15 -4.66 -13.76 9.60
C GLN B 15 -4.90 -13.17 8.21
N ILE B 16 -5.70 -12.11 8.16
CA ILE B 16 -6.05 -11.45 6.91
C ILE B 16 -4.87 -10.70 6.30
N ARG B 17 -4.09 -9.99 7.13
CA ARG B 17 -2.87 -9.37 6.66
CA ARG B 17 -2.88 -9.36 6.64
C ARG B 17 -1.96 -10.40 6.02
N ASN B 18 -1.74 -11.51 6.73
CA ASN B 18 -0.82 -12.53 6.26
C ASN B 18 -1.29 -13.25 4.99
N GLN B 19 -2.59 -13.51 4.90
CA GLN B 19 -3.10 -14.29 3.77
C GLN B 19 -3.38 -13.45 2.53
N TYR B 20 -3.83 -12.21 2.73
CA TYR B 20 -4.26 -11.35 1.62
C TYR B 20 -3.43 -10.08 1.42
N GLY B 21 -2.47 -9.84 2.31
CA GLY B 21 -1.54 -8.73 2.14
C GLY B 21 -2.13 -7.33 2.06
N VAL B 22 -3.16 -7.10 2.86
CA VAL B 22 -3.77 -5.78 2.97
C VAL B 22 -3.83 -5.38 4.44
N ASP B 23 -3.85 -4.06 4.68
CA ASP B 23 -4.10 -3.59 6.02
C ASP B 23 -5.59 -3.79 6.29
N VAL B 24 -5.91 -4.10 7.53
CA VAL B 24 -7.29 -4.46 7.84
C VAL B 24 -7.75 -4.02 9.22
N HIS B 25 -9.00 -3.60 9.29
CA HIS B 25 -9.67 -3.39 10.58
C HIS B 25 -10.83 -4.33 10.63
N VAL B 26 -10.82 -5.27 11.58
CA VAL B 26 -11.97 -6.16 11.78
C VAL B 26 -12.84 -5.58 12.87
N VAL B 27 -14.10 -5.30 12.54
CA VAL B 27 -15.01 -4.60 13.45
C VAL B 27 -15.73 -5.61 14.34
N PRO B 28 -15.47 -5.56 15.64
CA PRO B 28 -16.13 -6.54 16.51
C PRO B 28 -17.64 -6.29 16.51
N VAL B 29 -18.42 -7.33 16.28
CA VAL B 29 -19.87 -7.21 16.45
CA VAL B 29 -19.88 -7.23 16.34
C VAL B 29 -20.43 -8.57 16.84
N LEU B 30 -21.37 -8.55 17.77
CA LEU B 30 -22.01 -9.79 18.20
C LEU B 30 -22.60 -10.47 16.97
N ASP B 31 -22.47 -11.79 16.89
CA ASP B 31 -23.03 -12.52 15.76
C ASP B 31 -24.56 -12.61 15.80
N THR B 32 -25.16 -12.10 16.87
CA THR B 32 -26.61 -12.13 17.04
C THR B 32 -27.29 -10.82 16.60
N LEU B 33 -26.49 -9.85 16.17
CA LEU B 33 -27.07 -8.57 15.71
C LEU B 33 -27.43 -8.69 14.24
N ASN B 34 -28.39 -7.90 13.78
CA ASN B 34 -28.87 -8.07 12.41
C ASN B 34 -28.00 -7.40 11.34
N GLU B 35 -28.39 -7.56 10.08
CA GLU B 35 -27.61 -7.02 8.97
C GLU B 35 -27.43 -5.51 9.05
N ALA B 36 -28.53 -4.82 9.37
CA ALA B 36 -28.50 -3.37 9.46
C ALA B 36 -27.58 -2.88 10.56
N GLU B 37 -27.67 -3.52 11.72
CA GLU B 37 -26.89 -3.14 12.89
C GLU B 37 -25.41 -3.41 12.63
N THR B 38 -25.14 -4.54 11.98
CA THR B 38 -23.77 -4.92 11.64
C THR B 38 -23.19 -3.94 10.65
N LEU B 39 -23.93 -3.63 9.60
CA LEU B 39 -23.47 -2.65 8.62
C LEU B 39 -23.18 -1.30 9.28
N ASP B 40 -24.05 -0.89 10.20
CA ASP B 40 -23.87 0.38 10.89
C ASP B 40 -22.54 0.42 11.66
N ARG B 41 -22.22 -0.66 12.36
CA ARG B 41 -20.94 -0.71 13.09
C ARG B 41 -19.76 -0.67 12.13
N VAL B 42 -19.87 -1.39 11.01
CA VAL B 42 -18.82 -1.36 9.99
C VAL B 42 -18.66 0.03 9.40
N ALA B 43 -19.78 0.68 9.09
CA ALA B 43 -19.74 2.01 8.52
C ALA B 43 -19.09 3.00 9.49
N MSE B 44 -19.43 2.86 10.77
CA MSE B 44 -18.83 3.69 11.80
C MSE B 44 -17.30 3.56 11.79
O MSE B 44 -16.57 4.55 11.76
CB MSE B 44 -19.39 3.30 13.18
CG MSE B 44 -19.02 4.25 14.28
SE MSE B 44 -19.99 3.85 15.92
CE MSE B 44 -21.48 2.83 15.22
N GLN B 45 -16.80 2.32 11.80
CA GLN B 45 -15.35 2.15 11.84
C GLN B 45 -14.73 2.64 10.54
N ALA B 46 -15.40 2.38 9.43
CA ALA B 46 -14.87 2.81 8.15
C ALA B 46 -14.70 4.33 8.13
N ALA B 47 -15.70 5.05 8.63
CA ALA B 47 -15.63 6.50 8.64
C ALA B 47 -14.48 6.99 9.53
N ARG B 48 -14.25 6.30 10.64
CA ARG B 48 -13.17 6.67 11.56
C ARG B 48 -11.79 6.42 10.95
N THR B 49 -11.70 5.38 10.12
CA THR B 49 -10.48 5.04 9.38
C THR B 49 -10.26 5.95 8.16
N ILE B 50 -11.35 6.33 7.51
CA ILE B 50 -11.27 7.22 6.34
C ILE B 50 -10.79 8.63 6.72
N GLY B 51 -11.26 9.14 7.86
CA GLY B 51 -10.98 10.52 8.24
C GLY B 51 -9.52 10.95 8.15
N PRO B 52 -8.63 10.23 8.84
CA PRO B 52 -7.21 10.59 8.83
C PRO B 52 -6.56 10.49 7.45
N LEU B 53 -7.20 9.81 6.50
CA LEU B 53 -6.63 9.64 5.16
C LEU B 53 -7.13 10.68 4.17
N VAL B 54 -8.05 11.53 4.60
CA VAL B 54 -8.55 12.58 3.73
C VAL B 54 -7.79 13.85 4.06
N ASP B 55 -6.95 14.28 3.14
CA ASP B 55 -6.12 15.46 3.35
C ASP B 55 -6.64 16.62 2.53
N SER B 56 -6.13 17.82 2.84
CA SER B 56 -6.27 18.94 1.93
C SER B 56 -5.47 18.66 0.65
N ASN B 57 -5.77 19.41 -0.40
CA ASN B 57 -5.09 19.26 -1.69
C ASN B 57 -5.11 17.82 -2.21
N ALA B 58 -6.23 17.14 -1.99
CA ALA B 58 -6.39 15.74 -2.34
C ALA B 58 -7.58 15.51 -3.27
N ILE B 59 -7.47 14.49 -4.10
CA ILE B 59 -8.61 14.03 -4.93
C ILE B 59 -9.08 12.68 -4.40
N ILE B 60 -10.32 12.66 -3.91
CA ILE B 60 -10.88 11.49 -3.25
C ILE B 60 -11.91 10.85 -4.17
N GLY B 61 -11.68 9.63 -4.62
CA GLY B 61 -12.61 8.93 -5.49
C GLY B 61 -13.58 8.07 -4.69
N VAL B 62 -14.88 8.20 -4.97
CA VAL B 62 -15.88 7.43 -4.25
C VAL B 62 -16.73 6.64 -5.24
N ALA B 63 -16.79 5.32 -5.07
CA ALA B 63 -17.73 4.52 -5.85
C ALA B 63 -18.96 4.40 -4.98
N TRP B 64 -20.07 4.97 -5.42
CA TRP B 64 -21.25 5.03 -4.58
C TRP B 64 -22.00 3.69 -4.64
N GLY B 65 -22.73 3.39 -3.56
CA GLY B 65 -23.46 2.14 -3.43
C GLY B 65 -24.03 2.09 -2.03
N ALA B 66 -24.76 1.03 -1.70
CA ALA B 66 -25.41 0.98 -0.39
C ALA B 66 -24.44 1.03 0.78
N THR B 67 -23.32 0.32 0.70
CA THR B 67 -22.36 0.35 1.79
C THR B 67 -21.80 1.76 1.96
N LEU B 68 -21.40 2.37 0.84
CA LEU B 68 -20.86 3.72 0.87
C LEU B 68 -21.91 4.73 1.35
N SER B 69 -23.18 4.43 1.14
CA SER B 69 -24.24 5.29 1.65
C SER B 69 -24.17 5.30 3.18
N ALA B 70 -24.08 4.12 3.78
CA ALA B 70 -23.95 4.03 5.23
C ALA B 70 -22.71 4.73 5.76
N VAL B 71 -21.58 4.49 5.11
CA VAL B 71 -20.35 5.17 5.48
C VAL B 71 -20.54 6.69 5.44
N SER B 72 -21.18 7.16 4.37
CA SER B 72 -21.30 8.61 4.17
C SER B 72 -22.11 9.25 5.30
N ARG B 73 -22.98 8.45 5.91
CA ARG B 73 -23.80 8.97 7.01
C ARG B 73 -23.06 8.98 8.34
N HIS B 74 -21.86 8.39 8.37
CA HIS B 74 -21.09 8.31 9.62
C HIS B 74 -19.83 9.17 9.64
N LEU B 75 -19.61 9.95 8.59
CA LEU B 75 -18.41 10.80 8.51
C LEU B 75 -18.35 11.87 9.59
N THR B 76 -17.15 12.12 10.12
CA THR B 76 -16.95 13.24 11.04
C THR B 76 -16.51 14.44 10.24
N ARG B 77 -17.08 15.60 10.56
CA ARG B 77 -16.71 16.82 9.88
C ARG B 77 -15.24 17.11 10.14
N LYS B 78 -14.52 17.47 9.08
CA LYS B 78 -13.11 17.79 9.17
C LYS B 78 -12.82 18.81 8.08
N MSE B 79 -12.47 20.04 8.46
CA MSE B 79 -12.20 21.07 7.47
C MSE B 79 -10.93 20.73 6.68
O MSE B 79 -9.89 20.41 7.25
CB MSE B 79 -12.10 22.45 8.14
CG MSE B 79 -11.77 23.62 7.19
SE MSE B 79 -12.83 23.74 5.55
CE MSE B 79 -14.61 23.35 6.23
N THR B 80 -11.06 20.76 5.35
CA THR B 80 -9.90 20.68 4.45
C THR B 80 -10.04 21.81 3.46
N HIS B 81 -8.99 22.06 2.69
CA HIS B 81 -9.07 23.03 1.63
C HIS B 81 -8.50 22.41 0.35
N ASP B 82 -8.96 22.89 -0.80
CA ASP B 82 -8.43 22.44 -2.09
C ASP B 82 -8.56 20.95 -2.36
N SER B 83 -9.55 20.30 -1.76
CA SER B 83 -9.82 18.91 -2.08
C SER B 83 -11.09 18.73 -2.89
N ILE B 84 -11.15 17.60 -3.58
CA ILE B 84 -12.25 17.31 -4.48
C ILE B 84 -12.68 15.88 -4.27
N VAL B 85 -13.99 15.66 -4.23
CA VAL B 85 -14.53 14.32 -4.19
CA VAL B 85 -14.51 14.31 -4.21
C VAL B 85 -15.12 14.01 -5.57
N VAL B 86 -14.60 12.97 -6.22
CA VAL B 86 -15.06 12.61 -7.58
C VAL B 86 -15.81 11.30 -7.59
N GLN B 87 -16.94 11.31 -8.27
CA GLN B 87 -17.77 10.12 -8.41
C GLN B 87 -17.13 9.17 -9.41
N LEU B 88 -17.00 7.89 -9.04
CA LEU B 88 -16.30 6.92 -9.88
C LEU B 88 -17.19 6.12 -10.84
N ASN B 89 -18.47 6.04 -10.51
CA ASN B 89 -19.43 5.25 -11.28
C ASN B 89 -20.72 6.05 -11.53
N GLY B 90 -21.32 5.85 -12.69
CA GLY B 90 -22.51 6.62 -13.05
C GLY B 90 -23.73 6.28 -12.23
N ALA B 91 -24.85 6.96 -12.49
CA ALA B 91 -26.08 6.71 -11.76
C ALA B 91 -27.29 6.97 -12.64
N GLY B 92 -28.36 6.24 -12.38
CA GLY B 92 -29.58 6.36 -13.18
C GLY B 92 -29.73 5.07 -13.95
N ASN B 93 -30.70 4.25 -13.56
CA ASN B 93 -30.77 2.91 -14.15
C ASN B 93 -31.99 2.67 -15.01
N MSE B 94 -32.03 1.49 -15.64
CA MSE B 94 -33.08 1.16 -16.60
C MSE B 94 -34.48 1.28 -15.99
O MSE B 94 -35.47 1.30 -16.72
CB MSE B 94 -32.85 -0.23 -17.19
CG MSE B 94 -33.19 -1.40 -16.27
SE MSE B 94 -31.78 -1.83 -14.96
CE MSE B 94 -30.35 -2.32 -16.19
N GLN B 95 -34.51 1.38 -14.65
CA GLN B 95 -35.73 1.47 -13.85
C GLN B 95 -35.99 2.89 -13.37
N THR B 96 -35.12 3.81 -13.79
CA THR B 96 -35.17 5.24 -13.39
C THR B 96 -34.87 5.49 -11.91
N THR B 97 -34.06 4.63 -11.30
CA THR B 97 -33.74 4.82 -9.90
C THR B 97 -32.24 5.02 -9.69
N GLY B 98 -31.87 5.82 -8.69
CA GLY B 98 -30.49 5.92 -8.31
C GLY B 98 -29.85 7.30 -8.33
N ILE B 99 -30.38 8.22 -9.11
CA ILE B 99 -29.65 9.48 -9.27
C ILE B 99 -29.63 10.29 -7.97
N THR B 100 -30.78 10.40 -7.31
CA THR B 100 -30.84 11.17 -6.07
C THR B 100 -30.01 10.49 -4.99
N TYR B 101 -30.13 9.18 -4.89
CA TYR B 101 -29.39 8.40 -3.91
C TYR B 101 -27.88 8.57 -4.07
N ALA B 102 -27.40 8.49 -5.31
CA ALA B 102 -25.96 8.63 -5.54
C ALA B 102 -25.50 10.05 -5.23
N SER B 103 -26.30 11.03 -5.65
CA SER B 103 -26.00 12.45 -5.38
C SER B 103 -25.89 12.72 -3.90
N ASP B 104 -26.82 12.17 -3.12
CA ASP B 104 -26.82 12.38 -1.68
C ASP B 104 -25.52 11.87 -1.03
N ILE B 105 -25.05 10.69 -1.46
CA ILE B 105 -23.80 10.13 -0.98
C ILE B 105 -22.64 11.07 -1.30
N MSE B 106 -22.54 11.52 -2.55
CA MSE B 106 -21.47 12.45 -2.92
C MSE B 106 -21.53 13.75 -2.12
O MSE B 106 -20.51 14.24 -1.63
CB MSE B 106 -21.48 12.74 -4.44
CG MSE B 106 -21.44 11.51 -5.32
SE MSE B 106 -19.85 10.41 -5.02
CE MSE B 106 -18.57 11.81 -5.38
N ARG B 107 -22.72 14.33 -1.98
CA ARG B 107 -22.87 15.54 -1.20
C ARG B 107 -22.43 15.35 0.25
N ARG B 108 -22.70 14.18 0.84
CA ARG B 108 -22.33 13.98 2.22
C ARG B 108 -20.81 13.93 2.38
N PHE B 109 -20.13 13.33 1.41
CA PHE B 109 -18.67 13.34 1.45
C PHE B 109 -18.16 14.77 1.28
N GLY B 110 -18.67 15.47 0.29
CA GLY B 110 -18.23 16.83 0.06
C GLY B 110 -18.42 17.72 1.29
N SER B 111 -19.60 17.62 1.90
CA SER B 111 -19.95 18.47 3.04
C SER B 111 -19.12 18.16 4.27
N ALA B 112 -18.77 16.89 4.44
CA ALA B 112 -18.02 16.47 5.62
C ALA B 112 -16.61 17.05 5.61
N TYR B 113 -16.04 17.20 4.42
CA TYR B 113 -14.66 17.66 4.29
C TYR B 113 -14.51 19.06 3.73
N GLY B 114 -15.63 19.73 3.46
CA GLY B 114 -15.59 21.01 2.79
C GLY B 114 -14.89 20.87 1.46
N ALA B 115 -15.12 19.75 0.79
CA ALA B 115 -14.48 19.48 -0.51
C ALA B 115 -15.49 19.65 -1.64
N ARG B 116 -15.04 20.12 -2.79
CA ARG B 116 -15.94 20.30 -3.94
C ARG B 116 -16.31 18.96 -4.54
N VAL B 117 -17.57 18.81 -4.94
CA VAL B 117 -17.99 17.55 -5.53
C VAL B 117 -17.97 17.63 -7.04
N GLU B 118 -17.36 16.63 -7.68
CA GLU B 118 -17.44 16.48 -9.13
C GLU B 118 -18.17 15.18 -9.48
N GLN B 119 -19.39 15.33 -9.99
CA GLN B 119 -20.19 14.19 -10.39
C GLN B 119 -19.92 13.79 -11.85
N PHE B 120 -20.52 12.67 -12.26
CA PHE B 120 -20.14 11.95 -13.47
C PHE B 120 -21.42 11.81 -14.32
N PRO B 121 -21.49 12.51 -15.47
CA PRO B 121 -22.77 12.62 -16.19
C PRO B 121 -23.09 11.41 -17.08
N VAL B 122 -23.10 10.24 -16.48
CA VAL B 122 -23.31 8.99 -17.19
C VAL B 122 -24.27 8.13 -16.38
N PRO B 123 -25.00 7.23 -17.04
CA PRO B 123 -25.95 6.37 -16.35
C PRO B 123 -25.24 5.34 -15.46
N ALA B 124 -26.01 4.58 -14.70
CA ALA B 124 -25.46 3.53 -13.84
C ALA B 124 -24.61 2.51 -14.57
N PHE B 125 -25.03 2.18 -15.79
CA PHE B 125 -24.44 1.09 -16.55
C PHE B 125 -25.02 1.23 -17.94
N PHE B 126 -24.29 0.78 -18.96
CA PHE B 126 -24.77 0.87 -20.34
C PHE B 126 -25.44 -0.41 -20.80
N ASP B 127 -26.51 -0.28 -21.59
CA ASP B 127 -27.14 -1.44 -22.22
C ASP B 127 -26.28 -1.99 -23.34
N HIS B 128 -25.54 -1.10 -24.00
CA HIS B 128 -24.78 -1.45 -25.20
C HIS B 128 -23.35 -0.95 -25.10
N ALA B 129 -22.41 -1.84 -25.42
CA ALA B 129 -20.99 -1.49 -25.41
C ALA B 129 -20.72 -0.29 -26.33
N SER B 130 -21.42 -0.24 -27.46
CA SER B 130 -21.22 0.86 -28.40
C SER B 130 -21.60 2.22 -27.79
N THR B 131 -22.53 2.23 -26.85
CA THR B 131 -22.90 3.48 -26.18
C THR B 131 -21.76 3.94 -25.27
N LYS B 132 -21.17 2.98 -24.56
CA LYS B 132 -20.05 3.27 -23.67
C LYS B 132 -18.95 3.92 -24.50
N THR B 133 -18.60 3.27 -25.61
CA THR B 133 -17.56 3.78 -26.51
C THR B 133 -17.86 5.21 -26.97
N ALA B 134 -19.08 5.47 -27.41
CA ALA B 134 -19.44 6.82 -27.85
C ALA B 134 -19.34 7.83 -26.71
N MSE B 135 -19.85 7.46 -25.54
CA MSE B 135 -19.80 8.37 -24.40
C MSE B 135 -18.38 8.68 -23.93
O MSE B 135 -18.13 9.77 -23.41
CB MSE B 135 -20.66 7.83 -23.24
CG MSE B 135 -22.15 8.04 -23.48
SE MSE B 135 -22.70 9.90 -23.14
CE MSE B 135 -22.71 9.81 -21.16
N TRP B 136 -17.47 7.73 -24.10
CA TRP B 136 -16.10 7.93 -23.66
C TRP B 136 -15.32 8.86 -24.61
N ASN B 137 -15.96 9.26 -25.70
CA ASN B 137 -15.37 10.27 -26.59
C ASN B 137 -16.00 11.65 -26.43
N GLU B 138 -16.79 11.83 -25.37
CA GLU B 138 -17.44 13.10 -25.08
C GLU B 138 -16.56 13.89 -24.13
N ARG B 139 -16.36 15.17 -24.41
CA ARG B 139 -15.52 15.97 -23.52
C ARG B 139 -16.08 16.07 -22.10
N SER B 140 -17.41 16.13 -21.97
CA SER B 140 -18.02 16.22 -20.64
C SER B 140 -17.66 15.01 -19.78
N VAL B 141 -17.51 13.86 -20.45
CA VAL B 141 -17.15 12.63 -19.77
C VAL B 141 -15.65 12.58 -19.52
N GLN B 142 -14.87 12.93 -20.55
CA GLN B 142 -13.42 12.82 -20.50
C GLN B 142 -12.81 13.70 -19.40
N ARG B 143 -13.39 14.88 -19.19
CA ARG B 143 -12.86 15.77 -18.14
C ARG B 143 -12.98 15.11 -16.79
N ILE B 144 -14.02 14.31 -16.58
CA ILE B 144 -14.19 13.63 -15.30
C ILE B 144 -13.24 12.42 -15.26
N LEU B 145 -13.12 11.71 -16.39
CA LEU B 145 -12.16 10.61 -16.43
C LEU B 145 -10.74 11.12 -16.08
N ASP B 146 -10.36 12.28 -16.61
CA ASP B 146 -9.07 12.88 -16.28
C ASP B 146 -8.91 13.07 -14.76
N LEU B 147 -9.98 13.52 -14.11
CA LEU B 147 -9.97 13.76 -12.67
C LEU B 147 -9.88 12.45 -11.90
N GLN B 148 -10.64 11.45 -12.35
CA GLN B 148 -10.57 10.15 -11.71
C GLN B 148 -9.13 9.64 -11.76
N ALA B 149 -8.46 9.88 -12.88
CA ALA B 149 -7.11 9.35 -13.09
C ALA B 149 -6.11 9.96 -12.11
N ARG B 150 -6.46 11.11 -11.52
CA ARG B 150 -5.57 11.78 -10.58
C ARG B 150 -5.93 11.50 -9.11
N MSE B 151 -6.86 10.57 -8.86
CA MSE B 151 -7.26 10.37 -7.48
C MSE B 151 -6.12 9.81 -6.64
O MSE B 151 -5.30 9.03 -7.14
CB MSE B 151 -8.53 9.47 -7.40
CG MSE B 151 -8.26 8.02 -7.69
SE MSE B 151 -9.85 6.88 -7.53
CE MSE B 151 -9.85 6.18 -9.36
N SER B 152 -6.04 10.22 -5.38
CA SER B 152 -5.00 9.70 -4.51
C SER B 152 -5.58 8.72 -3.50
N ILE B 153 -6.89 8.77 -3.27
CA ILE B 153 -7.57 7.79 -2.45
C ILE B 153 -8.79 7.27 -3.22
N ALA B 154 -9.11 6.00 -3.05
CA ALA B 154 -10.37 5.46 -3.59
C ALA B 154 -11.12 4.80 -2.45
N ILE B 155 -12.44 4.99 -2.39
CA ILE B 155 -13.25 4.37 -1.35
C ILE B 155 -14.40 3.60 -2.02
N PHE B 156 -14.56 2.33 -1.67
CA PHE B 156 -15.55 1.53 -2.37
C PHE B 156 -15.97 0.30 -1.57
N GLY B 157 -17.15 -0.23 -1.87
CA GLY B 157 -17.54 -1.54 -1.39
C GLY B 157 -17.35 -2.54 -2.53
N VAL B 158 -17.94 -3.73 -2.40
CA VAL B 158 -17.83 -4.74 -3.44
CA VAL B 158 -17.85 -4.72 -3.46
C VAL B 158 -19.21 -5.28 -3.80
N GLY B 159 -19.41 -5.58 -5.07
CA GLY B 159 -20.57 -6.34 -5.49
C GLY B 159 -20.17 -7.80 -5.44
N SER B 160 -21.13 -8.69 -5.25
CA SER B 160 -20.82 -10.10 -5.06
C SER B 160 -21.92 -10.99 -5.62
N VAL B 161 -21.52 -11.99 -6.41
CA VAL B 161 -22.45 -13.00 -6.90
C VAL B 161 -22.72 -13.99 -5.77
N ASP B 162 -23.99 -14.14 -5.40
CA ASP B 162 -24.34 -15.08 -4.33
C ASP B 162 -24.57 -16.48 -4.89
N SER B 163 -23.65 -17.39 -4.59
CA SER B 163 -23.67 -18.73 -5.16
C SER B 163 -24.74 -19.65 -4.55
N ASP B 164 -25.55 -19.10 -3.65
CA ASP B 164 -26.61 -19.87 -3.00
C ASP B 164 -27.92 -19.82 -3.79
N TYR B 165 -28.52 -18.65 -3.87
CA TYR B 165 -29.66 -18.44 -4.75
C TYR B 165 -29.22 -17.62 -5.96
N PRO B 166 -28.61 -18.28 -6.95
CA PRO B 166 -27.99 -17.69 -8.13
C PRO B 166 -29.03 -17.10 -9.08
N SER B 167 -30.22 -17.69 -9.06
CA SER B 167 -31.31 -17.25 -9.93
C SER B 167 -31.75 -15.83 -9.58
N HIS B 168 -31.26 -15.31 -8.46
CA HIS B 168 -31.67 -13.99 -8.00
C HIS B 168 -30.82 -12.85 -8.57
N VAL B 169 -31.46 -11.71 -8.76
CA VAL B 169 -30.83 -10.56 -9.40
C VAL B 169 -29.59 -10.09 -8.66
N TYR B 170 -28.56 -9.74 -9.42
CA TYR B 170 -27.34 -9.17 -8.88
C TYR B 170 -27.71 -7.82 -8.26
N ALA B 171 -27.33 -7.64 -7.00
CA ALA B 171 -27.79 -6.48 -6.23
C ALA B 171 -27.16 -5.19 -6.71
N GLY B 172 -27.87 -4.08 -6.50
CA GLY B 172 -27.31 -2.77 -6.75
C GLY B 172 -27.94 -1.98 -7.88
N GLY B 173 -28.86 -2.61 -8.60
CA GLY B 173 -29.62 -1.94 -9.64
C GLY B 173 -28.92 -1.65 -10.96
N TYR B 174 -27.64 -2.03 -11.08
CA TYR B 174 -26.95 -1.79 -12.35
C TYR B 174 -27.09 -2.95 -13.36
N LEU B 175 -27.21 -4.17 -12.85
CA LEU B 175 -27.56 -5.32 -13.69
C LEU B 175 -29.00 -5.70 -13.43
N ASP B 176 -29.62 -6.38 -14.38
CA ASP B 176 -30.93 -6.97 -14.13
C ASP B 176 -30.95 -8.41 -14.63
N GLU B 177 -32.14 -9.01 -14.68
CA GLU B 177 -32.24 -10.43 -14.97
C GLU B 177 -31.63 -10.81 -16.32
N HIS B 178 -31.67 -9.88 -17.27
CA HIS B 178 -31.20 -10.16 -18.63
C HIS B 178 -29.69 -10.28 -18.75
N ASP B 179 -28.97 -9.91 -17.68
CA ASP B 179 -27.52 -9.84 -17.69
C ASP B 179 -26.87 -11.03 -16.99
N LEU B 180 -27.69 -11.85 -16.35
CA LEU B 180 -27.17 -12.94 -15.53
C LEU B 180 -26.43 -14.01 -16.35
N THR B 181 -26.98 -14.37 -17.50
CA THR B 181 -26.35 -15.41 -18.31
C THR B 181 -24.91 -15.04 -18.68
N MSE B 182 -24.67 -13.75 -18.90
CA MSE B 182 -23.33 -13.26 -19.24
C MSE B 182 -22.42 -13.22 -18.02
O MSE B 182 -21.21 -13.41 -18.15
CB MSE B 182 -23.43 -11.89 -19.91
CG MSE B 182 -24.08 -11.95 -21.28
SE MSE B 182 -24.69 -10.19 -21.87
CE MSE B 182 -23.06 -9.20 -21.52
N LEU B 183 -22.99 -12.96 -16.84
CA LEU B 183 -22.24 -13.06 -15.60
C LEU B 183 -21.67 -14.46 -15.49
N ALA B 184 -22.55 -15.44 -15.66
CA ALA B 184 -22.17 -16.83 -15.50
C ALA B 184 -21.18 -17.28 -16.57
N ALA B 185 -21.38 -16.83 -17.81
CA ALA B 185 -20.54 -17.28 -18.92
C ALA B 185 -19.07 -16.91 -18.73
N ASP B 186 -18.81 -15.74 -18.15
CA ASP B 186 -17.45 -15.30 -17.92
C ASP B 186 -16.92 -15.60 -16.51
N ASP B 187 -17.66 -16.40 -15.75
CA ASP B 187 -17.23 -16.82 -14.42
C ASP B 187 -16.99 -15.67 -13.46
N VAL B 188 -17.91 -14.71 -13.49
CA VAL B 188 -17.82 -13.51 -12.66
C VAL B 188 -18.23 -13.79 -11.23
N VAL B 189 -17.48 -13.24 -10.28
CA VAL B 189 -17.81 -13.44 -8.88
C VAL B 189 -18.13 -12.14 -8.14
N GLY B 190 -17.82 -10.99 -8.75
CA GLY B 190 -18.15 -9.73 -8.11
C GLY B 190 -17.64 -8.54 -8.88
N ASP B 191 -17.71 -7.37 -8.27
CA ASP B 191 -17.21 -6.16 -8.93
C ASP B 191 -16.75 -5.11 -7.92
N VAL B 192 -15.99 -4.14 -8.40
CA VAL B 192 -15.77 -2.89 -7.68
C VAL B 192 -16.12 -1.78 -8.64
N ALA B 193 -17.00 -0.89 -8.20
CA ALA B 193 -17.42 0.25 -9.02
C ALA B 193 -18.04 -0.17 -10.36
N THR B 194 -18.69 -1.35 -10.35
CA THR B 194 -19.35 -1.94 -11.51
C THR B 194 -18.39 -2.53 -12.56
N VAL B 195 -17.13 -2.69 -12.17
CA VAL B 195 -16.15 -3.36 -13.02
C VAL B 195 -15.86 -4.74 -12.44
N PHE B 196 -16.24 -5.77 -13.21
CA PHE B 196 -16.31 -7.13 -12.70
C PHE B 196 -14.98 -7.89 -12.75
N PHE B 197 -14.86 -8.91 -11.89
CA PHE B 197 -13.70 -9.78 -11.90
C PHE B 197 -14.11 -11.23 -11.64
N ARG B 198 -13.22 -12.17 -11.99
CA ARG B 198 -13.39 -13.58 -11.68
C ARG B 198 -12.75 -13.89 -10.33
N SER B 199 -12.83 -15.14 -9.91
CA SER B 199 -12.32 -15.54 -8.59
C SER B 199 -10.81 -15.36 -8.45
N ASP B 200 -10.08 -15.42 -9.57
CA ASP B 200 -8.62 -15.22 -9.52
C ASP B 200 -8.25 -13.75 -9.65
N GLY B 201 -9.27 -12.89 -9.65
CA GLY B 201 -9.03 -11.45 -9.73
C GLY B 201 -8.92 -10.88 -11.14
N SER B 202 -8.93 -11.75 -12.16
CA SER B 202 -8.80 -11.25 -13.53
C SER B 202 -10.06 -10.54 -14.01
N SER B 203 -9.90 -9.57 -14.90
CA SER B 203 -11.05 -8.86 -15.47
C SER B 203 -11.03 -8.80 -16.99
N ASP B 204 -9.99 -9.37 -17.60
CA ASP B 204 -9.88 -9.34 -19.06
C ASP B 204 -10.93 -10.23 -19.72
N GLY B 205 -11.47 -9.76 -20.84
CA GLY B 205 -12.41 -10.56 -21.61
C GLY B 205 -13.74 -10.84 -20.93
N ILE B 206 -14.12 -10.01 -19.96
CA ILE B 206 -15.44 -10.08 -19.37
C ILE B 206 -16.33 -9.14 -20.15
N THR B 207 -17.33 -9.71 -20.81
CA THR B 207 -18.17 -8.96 -21.74
C THR B 207 -18.90 -7.80 -21.05
N LEU B 208 -19.33 -8.01 -19.81
CA LEU B 208 -20.07 -6.96 -19.11
C LEU B 208 -19.18 -5.74 -18.85
N ASN B 209 -17.87 -5.94 -18.79
CA ASN B 209 -16.99 -4.81 -18.53
C ASN B 209 -16.94 -3.80 -19.69
N GLU B 210 -17.39 -4.22 -20.87
CA GLU B 210 -17.45 -3.28 -22.00
C GLU B 210 -18.59 -2.29 -21.82
N ARG B 211 -19.44 -2.54 -20.83
CA ARG B 211 -20.62 -1.72 -20.58
C ARG B 211 -20.54 -0.96 -19.24
N SER B 212 -19.42 -1.13 -18.55
CA SER B 212 -19.23 -0.50 -17.25
C SER B 212 -18.84 0.97 -17.32
N THR B 213 -19.26 1.75 -16.32
CA THR B 213 -18.84 3.15 -16.23
C THR B 213 -17.63 3.37 -15.31
N GLY B 214 -17.20 2.34 -14.59
CA GLY B 214 -16.22 2.52 -13.54
C GLY B 214 -14.78 2.40 -14.03
N PRO B 215 -13.84 2.80 -13.15
CA PRO B 215 -12.40 2.83 -13.45
C PRO B 215 -11.85 1.43 -13.66
N SER B 216 -10.91 1.27 -14.56
CA SER B 216 -10.30 -0.03 -14.77
C SER B 216 -9.59 -0.46 -13.47
N HIS B 217 -9.46 -1.76 -13.30
CA HIS B 217 -8.75 -2.28 -12.14
C HIS B 217 -7.29 -1.85 -12.19
N GLU B 218 -6.71 -1.76 -13.38
CA GLU B 218 -5.33 -1.32 -13.50
C GLU B 218 -5.16 0.09 -12.95
N GLN B 219 -6.12 0.96 -13.24
CA GLN B 219 -6.11 2.30 -12.66
C GLN B 219 -6.23 2.28 -11.15
N LEU B 220 -7.18 1.51 -10.61
CA LEU B 220 -7.29 1.40 -9.16
C LEU B 220 -5.98 0.96 -8.53
N ARG B 221 -5.30 -0.02 -9.15
CA ARG B 221 -4.08 -0.55 -8.55
C ARG B 221 -2.94 0.48 -8.47
N GLN B 222 -3.11 1.60 -9.16
CA GLN B 222 -2.12 2.67 -9.13
C GLN B 222 -2.48 3.79 -8.13
N VAL B 223 -3.68 3.72 -7.57
CA VAL B 223 -4.10 4.73 -6.58
C VAL B 223 -3.40 4.45 -5.26
N ARG B 224 -2.95 5.50 -4.58
CA ARG B 224 -2.13 5.29 -3.37
C ARG B 224 -2.82 4.48 -2.26
N ARG B 225 -4.01 4.87 -1.87
CA ARG B 225 -4.75 4.12 -0.86
C ARG B 225 -6.12 3.77 -1.43
N ARG B 226 -6.51 2.51 -1.28
CA ARG B 226 -7.82 2.05 -1.76
C ARG B 226 -8.51 1.44 -0.57
N ILE B 227 -9.60 2.08 -0.14
CA ILE B 227 -10.25 1.72 1.11
C ILE B 227 -11.50 0.93 0.77
N CYS B 228 -11.50 -0.34 1.15
CA CYS B 228 -12.57 -1.27 0.78
C CYS B 228 -13.39 -1.62 2.03
N VAL B 229 -14.70 -1.36 1.96
CA VAL B 229 -15.60 -1.54 3.11
C VAL B 229 -16.63 -2.63 2.79
N VAL B 230 -16.76 -3.62 3.67
CA VAL B 230 -17.60 -4.78 3.41
C VAL B 230 -18.35 -5.16 4.66
N SER B 231 -19.66 -5.39 4.53
CA SER B 231 -20.46 -5.97 5.59
C SER B 231 -21.47 -6.90 4.95
N GLY B 232 -21.66 -8.10 5.50
CA GLY B 232 -22.73 -8.96 5.02
C GLY B 232 -22.28 -10.25 4.38
N ALA B 233 -22.99 -11.33 4.71
CA ALA B 233 -22.65 -12.67 4.25
C ALA B 233 -22.58 -12.80 2.72
N SER B 234 -23.48 -12.11 2.02
CA SER B 234 -23.57 -12.25 0.57
C SER B 234 -22.36 -11.63 -0.15
N LYS B 235 -21.49 -10.96 0.59
CA LYS B 235 -20.36 -10.23 -0.03
C LYS B 235 -19.07 -11.06 -0.18
N ILE B 236 -19.06 -12.26 0.38
CA ILE B 236 -17.80 -13.00 0.51
C ILE B 236 -17.10 -13.36 -0.81
N ASN B 237 -17.87 -13.81 -1.80
CA ASN B 237 -17.30 -14.16 -3.09
C ASN B 237 -16.66 -12.98 -3.77
N GLY B 238 -17.36 -11.85 -3.75
CA GLY B 238 -16.87 -10.63 -4.36
C GLY B 238 -15.62 -10.17 -3.65
N LEU B 239 -15.62 -10.25 -2.32
CA LEU B 239 -14.47 -9.75 -1.55
C LEU B 239 -13.23 -10.56 -1.84
N GLN B 240 -13.38 -11.88 -1.86
CA GLN B 240 -12.26 -12.72 -2.23
C GLN B 240 -11.73 -12.35 -3.62
N GLY B 241 -12.60 -12.15 -4.60
CA GLY B 241 -12.16 -11.78 -5.93
C GLY B 241 -11.45 -10.43 -5.97
N ALA B 242 -11.95 -9.46 -5.21
CA ALA B 242 -11.35 -8.12 -5.15
C ALA B 242 -9.95 -8.17 -4.57
N LEU B 243 -9.75 -9.02 -3.56
CA LEU B 243 -8.45 -9.15 -2.93
C LEU B 243 -7.50 -9.92 -3.84
N ALA B 244 -8.04 -10.89 -4.57
CA ALA B 244 -7.23 -11.59 -5.58
C ALA B 244 -6.78 -10.61 -6.65
N ALA B 245 -7.62 -9.64 -6.98
CA ALA B 245 -7.29 -8.62 -7.97
C ALA B 245 -6.36 -7.54 -7.41
N GLY B 246 -6.12 -7.60 -6.11
CA GLY B 246 -5.25 -6.64 -5.44
C GLY B 246 -5.80 -5.22 -5.41
N LEU B 247 -7.11 -5.08 -5.39
CA LEU B 247 -7.73 -3.75 -5.51
C LEU B 247 -7.65 -2.92 -4.24
N ALA B 248 -7.56 -3.58 -3.09
CA ALA B 248 -7.59 -2.87 -1.81
C ALA B 248 -6.19 -2.63 -1.21
N THR B 249 -6.02 -1.55 -0.47
CA THR B 249 -4.87 -1.45 0.44
C THR B 249 -5.31 -1.49 1.89
N ASP B 250 -6.54 -1.03 2.15
CA ASP B 250 -7.10 -0.97 3.50
C ASP B 250 -8.50 -1.53 3.47
N LEU B 251 -8.75 -2.54 4.30
CA LEU B 251 -10.04 -3.23 4.32
C LEU B 251 -10.71 -3.03 5.67
N ILE B 252 -11.99 -2.68 5.67
CA ILE B 252 -12.75 -2.63 6.90
C ILE B 252 -13.93 -3.57 6.74
N LEU B 253 -14.06 -4.55 7.65
CA LEU B 253 -15.15 -5.52 7.52
C LEU B 253 -15.55 -6.03 8.88
N ASP B 254 -16.77 -6.55 8.96
CA ASP B 254 -17.27 -7.07 10.24
C ASP B 254 -16.65 -8.41 10.60
N GLU B 255 -16.66 -8.71 11.89
CA GLU B 255 -16.09 -9.93 12.44
C GLU B 255 -16.56 -11.20 11.69
N ALA B 256 -17.86 -11.33 11.45
CA ALA B 256 -18.38 -12.52 10.76
C ALA B 256 -17.82 -12.67 9.35
N SER B 257 -17.77 -11.56 8.64
CA SER B 257 -17.20 -11.58 7.29
C SER B 257 -15.73 -11.95 7.36
N ALA B 258 -15.05 -11.50 8.41
CA ALA B 258 -13.62 -11.79 8.53
C ALA B 258 -13.41 -13.28 8.74
N ARG B 259 -14.26 -13.90 9.55
CA ARG B 259 -14.16 -15.34 9.76
C ARG B 259 -14.40 -16.10 8.46
N ARG B 260 -15.36 -15.63 7.66
CA ARG B 260 -15.63 -16.26 6.36
C ARG B 260 -14.42 -16.14 5.46
N LEU B 261 -13.78 -14.98 5.49
CA LEU B 261 -12.66 -14.71 4.61
C LEU B 261 -11.45 -15.59 4.91
N VAL B 262 -11.15 -15.80 6.19
CA VAL B 262 -9.95 -16.55 6.55
C VAL B 262 -10.14 -18.07 6.42
N SER B 263 -11.40 -18.50 6.36
CA SER B 263 -11.68 -19.91 6.13
C SER B 263 -11.84 -20.15 4.64
N PHE B 264 -11.82 -19.06 3.88
CA PHE B 264 -11.90 -19.11 2.42
C PHE B 264 -10.50 -19.35 1.85
CA CA C . -16.63 21.33 -11.90
CA CA D . -37.75 6.79 -10.20
#